data_6Z8W
#
_entry.id   6Z8W
#
_cell.length_a   94.798
_cell.length_b   94.798
_cell.length_c   125.326
_cell.angle_alpha   90.000
_cell.angle_beta   90.000
_cell.angle_gamma   120.000
#
_symmetry.space_group_name_H-M   'P 32 2 1'
#
loop_
_entity.id
_entity.type
_entity.pdbx_description
1 polymer Prothrombin
2 polymer Prothrombin
3 polymer TBA-3G
4 non-polymer D-phenylalanyl-N-[(2S,3S)-6-{[amino(iminio)methyl]amino}-1-chloro-2-hydroxyhexan-3-yl]-L-prolinamide
5 non-polymer 'SODIUM ION'
6 non-polymer 'POTASSIUM ION'
7 water water
#
loop_
_entity_poly.entity_id
_entity_poly.type
_entity_poly.pdbx_seq_one_letter_code
_entity_poly.pdbx_strand_id
1 'polypeptide(L)' TFGSGEADCGLRPLFEKKSLEDKTERELLESYIDGR L
2 'polypeptide(L)'
;IVEGSDAEIGMSPWQVMLFRKSPQELLCGASLISDRWVLTAAHCLLYPPWDKNFTENDLLVRIGKHSRTRYERNIEKISM
LEKIYIHPRYNWRENLDRDIALMKLKKPVAFSDYIHPVCLPDRETAASLLQAGYKGRVTGWGNLKETWTANVGKGQPSVL
QVVNLPIVERPVCKDSTRIRITDNMFCAGYKPDEGKRGDACEGDSGGPFVMKSPFNNRWYQMGIVSWGEGCDRDGKYGFY
THVFRLKKWIQKVIDQFGE
;
H
3 'polydeoxyribonucleotide' (DG)(DG)(QCK)(DT)(DG)(DG)(DT)(DG)(DT)(DG)(DG)(DT)(DT)(DG)(DG) A
#
# COMPACT_ATOMS: atom_id res chain seq x y z
N ALA A 7 -6.46 5.52 -19.26
CA ALA A 7 -6.56 4.05 -19.61
C ALA A 7 -7.61 3.38 -18.67
N ASP A 8 -7.50 2.06 -18.46
CA ASP A 8 -8.44 1.46 -17.54
C ASP A 8 -7.73 1.25 -16.18
N CYS A 9 -6.86 2.18 -15.76
CA CYS A 9 -6.34 2.07 -14.39
C CYS A 9 -7.47 1.87 -13.39
N GLY A 10 -7.22 1.07 -12.33
CA GLY A 10 -8.14 1.09 -11.18
C GLY A 10 -9.40 0.26 -11.44
N LEU A 11 -9.54 -0.40 -12.62
CA LEU A 11 -10.72 -1.20 -12.88
C LEU A 11 -10.29 -2.66 -12.99
N ARG A 12 -10.75 -3.53 -12.08
CA ARG A 12 -10.13 -4.85 -11.94
C ARG A 12 -10.69 -5.80 -12.97
N PRO A 13 -9.82 -6.56 -13.70
CA PRO A 13 -10.33 -7.59 -14.62
C PRO A 13 -11.35 -8.54 -14.02
N LEU A 14 -11.22 -8.92 -12.75
CA LEU A 14 -12.10 -10.00 -12.26
C LEU A 14 -13.27 -9.40 -11.45
N PHE A 15 -13.37 -8.05 -11.35
CA PHE A 15 -14.46 -7.44 -10.60
C PHE A 15 -15.19 -6.40 -11.45
N GLU A 16 -14.73 -5.14 -11.50
CA GLU A 16 -15.48 -4.10 -12.19
C GLU A 16 -15.69 -4.49 -13.65
N LYS A 17 -14.68 -5.15 -14.28
CA LYS A 17 -14.80 -5.49 -15.70
C LYS A 17 -15.81 -6.59 -15.98
N LYS A 18 -16.18 -7.36 -14.94
CA LYS A 18 -17.17 -8.40 -15.10
C LYS A 18 -18.46 -8.00 -14.38
N SER A 19 -18.57 -6.74 -13.92
CA SER A 19 -19.72 -6.41 -13.09
C SER A 19 -19.88 -7.30 -11.85
N LEU A 20 -18.78 -7.69 -11.20
CA LEU A 20 -18.88 -8.48 -9.98
C LEU A 20 -18.33 -7.58 -8.88
N GLU A 21 -18.93 -7.68 -7.67
CA GLU A 21 -18.47 -6.97 -6.50
C GLU A 21 -17.67 -7.91 -5.63
N ASP A 22 -16.63 -7.35 -4.98
CA ASP A 22 -15.94 -8.17 -4.00
C ASP A 22 -16.73 -8.15 -2.69
N LYS A 23 -16.30 -9.03 -1.81
CA LYS A 23 -16.99 -9.29 -0.56
C LYS A 23 -17.08 -8.10 0.38
N THR A 24 -16.26 -7.07 0.27
CA THR A 24 -16.34 -6.04 1.30
C THR A 24 -16.37 -4.64 0.71
N GLU A 25 -16.39 -4.48 -0.62
CA GLU A 25 -16.37 -3.10 -1.12
C GLU A 25 -17.62 -2.31 -0.74
N ARG A 26 -18.78 -2.98 -0.54
CA ARG A 26 -20.01 -2.26 -0.12
C ARG A 26 -19.76 -1.52 1.22
N GLU A 27 -18.91 -2.10 2.07
CA GLU A 27 -18.60 -1.46 3.35
C GLU A 27 -17.91 -0.11 3.04
N LEU A 28 -17.03 -0.06 1.98
CA LEU A 28 -16.41 1.23 1.66
C LEU A 28 -17.45 2.23 1.13
N LEU A 29 -18.29 1.77 0.17
CA LEU A 29 -19.34 2.64 -0.39
C LEU A 29 -20.25 3.18 0.71
N GLU A 30 -20.59 2.34 1.70
CA GLU A 30 -21.48 2.75 2.77
C GLU A 30 -20.85 3.83 3.64
N SER A 31 -19.51 3.83 3.73
CA SER A 31 -18.88 4.77 4.64
C SER A 31 -19.05 6.17 4.10
N TYR A 32 -19.33 6.32 2.80
CA TYR A 32 -19.50 7.68 2.27
C TYR A 32 -20.87 8.25 2.63
N ILE A 33 -21.82 7.41 3.07
CA ILE A 33 -23.19 7.87 3.30
C ILE A 33 -23.20 8.94 4.40
N ILE B 1 -0.99 -7.61 8.17
CA ILE B 1 -2.37 -7.10 8.41
C ILE B 1 -2.98 -7.84 9.62
N VAL B 2 -3.45 -7.05 10.61
CA VAL B 2 -4.08 -7.56 11.83
C VAL B 2 -5.61 -7.48 11.71
N GLU B 3 -6.31 -8.61 12.02
CA GLU B 3 -7.77 -8.68 12.07
C GLU B 3 -8.35 -8.42 10.68
N GLY B 4 -7.66 -8.82 9.61
CA GLY B 4 -8.22 -8.67 8.27
C GLY B 4 -8.74 -10.02 7.81
N SER B 5 -8.83 -10.24 6.51
CA SER B 5 -9.21 -11.57 6.12
C SER B 5 -8.50 -11.88 4.79
N ASP B 6 -8.59 -13.13 4.34
CA ASP B 6 -7.87 -13.53 3.14
C ASP B 6 -8.43 -12.71 1.97
N ALA B 7 -7.59 -12.22 1.06
CA ALA B 7 -8.12 -11.61 -0.15
C ALA B 7 -8.84 -12.63 -1.03
N GLU B 8 -9.77 -12.20 -1.90
CA GLU B 8 -10.21 -13.00 -3.03
C GLU B 8 -9.18 -12.92 -4.16
N ILE B 9 -9.18 -13.92 -5.05
CA ILE B 9 -8.35 -13.91 -6.25
C ILE B 9 -8.66 -12.65 -7.08
N GLY B 10 -7.61 -11.96 -7.51
CA GLY B 10 -7.67 -10.79 -8.38
C GLY B 10 -8.26 -9.57 -7.65
N MET B 11 -8.37 -9.61 -6.31
CA MET B 11 -9.07 -8.50 -5.64
C MET B 11 -8.20 -7.25 -5.58
N SER B 12 -6.87 -7.48 -5.63
CA SER B 12 -5.90 -6.41 -5.48
C SER B 12 -4.79 -6.59 -6.55
N PRO B 13 -5.10 -6.47 -7.87
CA PRO B 13 -4.21 -6.94 -8.92
C PRO B 13 -2.99 -6.01 -9.09
N TRP B 14 -3.02 -4.87 -8.39
CA TRP B 14 -1.90 -3.93 -8.35
C TRP B 14 -0.94 -4.25 -7.19
N GLN B 15 -1.28 -5.25 -6.38
CA GLN B 15 -0.41 -5.58 -5.22
C GLN B 15 0.92 -6.16 -5.73
N VAL B 16 2.02 -5.66 -5.18
CA VAL B 16 3.37 -6.09 -5.58
C VAL B 16 4.13 -6.54 -4.32
N MET B 17 4.92 -7.65 -4.41
CA MET B 17 5.78 -8.09 -3.33
CA MET B 17 5.79 -8.11 -3.34
C MET B 17 7.21 -7.63 -3.62
N LEU B 18 7.85 -7.00 -2.66
CA LEU B 18 9.26 -6.70 -2.89
C LEU B 18 10.08 -7.79 -2.19
N PHE B 19 11.07 -8.34 -2.90
CA PHE B 19 11.70 -9.58 -2.47
C PHE B 19 13.21 -9.38 -2.57
N ARG B 20 13.92 -9.77 -1.50
CA ARG B 20 15.36 -9.65 -1.49
C ARG B 20 15.94 -10.86 -2.22
N LYS B 21 16.93 -10.62 -3.11
CA LYS B 21 17.56 -11.72 -3.86
C LYS B 21 18.28 -12.75 -2.96
N SER B 22 19.30 -12.36 -2.17
CA SER B 22 19.82 -13.34 -1.20
C SER B 22 20.28 -12.74 0.14
N PRO B 23 19.98 -13.38 1.30
CA PRO B 23 19.06 -14.54 1.34
C PRO B 23 17.70 -14.14 0.77
N GLN B 24 16.99 -15.13 0.22
CA GLN B 24 15.68 -14.86 -0.32
C GLN B 24 14.76 -14.46 0.81
N GLU B 25 14.22 -13.24 0.81
CA GLU B 25 13.17 -12.99 1.78
C GLU B 25 12.18 -11.91 1.30
N LEU B 26 10.93 -12.05 1.73
CA LEU B 26 9.92 -11.02 1.56
C LEU B 26 10.37 -9.77 2.33
N LEU B 27 10.56 -8.61 1.68
CA LEU B 27 10.82 -7.36 2.41
C LEU B 27 9.55 -6.58 2.73
N CYS B 28 8.67 -6.33 1.74
CA CYS B 28 7.71 -5.21 1.87
C CYS B 28 6.64 -5.45 0.82
N GLY B 29 5.58 -4.66 0.89
CA GLY B 29 4.66 -4.55 -0.22
C GLY B 29 5.05 -3.36 -1.09
N ALA B 30 4.21 -3.16 -2.10
CA ALA B 30 4.43 -2.17 -3.13
C ALA B 30 3.19 -2.22 -4.02
N SER B 31 3.07 -1.27 -4.94
CA SER B 31 1.89 -1.27 -5.79
C SER B 31 2.28 -0.94 -7.22
N LEU B 32 1.51 -1.47 -8.17
CA LEU B 32 1.83 -1.29 -9.59
C LEU B 32 1.04 -0.06 -10.08
N ILE B 33 1.70 0.99 -10.62
CA ILE B 33 0.96 2.19 -11.01
C ILE B 33 1.02 2.35 -12.54
N SER B 34 1.83 1.59 -13.24
CA SER B 34 1.75 1.55 -14.70
C SER B 34 2.38 0.23 -15.15
N ASP B 35 2.66 0.02 -16.45
CA ASP B 35 3.30 -1.23 -16.77
C ASP B 35 4.80 -1.22 -16.41
N ARG B 36 5.34 -0.05 -16.05
CA ARG B 36 6.78 0.04 -15.85
C ARG B 36 7.20 0.55 -14.47
N TRP B 37 6.24 1.04 -13.66
CA TRP B 37 6.53 1.74 -12.42
C TRP B 37 5.82 1.08 -11.26
N VAL B 38 6.53 1.05 -10.12
CA VAL B 38 6.02 0.43 -8.90
C VAL B 38 6.32 1.42 -7.78
N LEU B 39 5.32 1.69 -6.95
CA LEU B 39 5.42 2.62 -5.83
C LEU B 39 5.60 1.80 -4.55
N THR B 40 6.48 2.31 -3.66
CA THR B 40 6.67 1.65 -2.33
C THR B 40 7.09 2.67 -1.29
N ALA B 41 7.27 2.21 -0.02
CA ALA B 41 7.74 3.11 1.01
C ALA B 41 9.27 3.20 0.90
N ALA B 42 9.84 4.41 1.11
CA ALA B 42 11.28 4.60 1.07
C ALA B 42 11.98 3.72 2.14
N HIS B 43 11.36 3.58 3.36
CA HIS B 43 12.06 2.84 4.40
C HIS B 43 12.25 1.37 4.03
N CYS B 44 11.44 0.81 3.11
CA CYS B 44 11.67 -0.55 2.62
C CYS B 44 13.03 -0.66 1.93
N LEU B 45 13.58 0.46 1.42
CA LEU B 45 14.81 0.40 0.63
C LEU B 45 15.97 0.98 1.42
N LEU B 46 15.69 2.05 2.18
CA LEU B 46 16.76 2.76 2.88
C LEU B 46 16.31 3.04 4.33
N TYR B 47 17.03 2.42 5.28
CA TYR B 47 16.75 2.73 6.66
C TYR B 47 18.04 2.45 7.45
N PRO B 48 19.02 3.40 7.48
CA PRO B 48 20.31 3.18 8.12
C PRO B 48 20.21 2.64 9.56
N PRO B 49 19.25 3.03 10.45
CA PRO B 49 19.26 2.50 11.82
C PRO B 49 19.09 0.98 11.82
N TRP B 50 18.52 0.40 10.76
CA TRP B 50 18.47 -1.06 10.72
C TRP B 50 19.49 -1.60 9.71
N ASP B 51 20.48 -0.79 9.32
CA ASP B 51 21.49 -1.20 8.35
C ASP B 51 20.89 -1.62 7.00
N LYS B 52 19.82 -0.97 6.53
CA LYS B 52 19.25 -1.30 5.24
C LYS B 52 19.59 -0.21 4.24
N ASN B 53 20.11 -0.65 3.09
CA ASN B 53 20.44 0.25 2.00
C ASN B 53 20.47 -0.60 0.75
N PHE B 54 19.32 -0.91 0.17
CA PHE B 54 19.28 -1.78 -1.01
C PHE B 54 19.37 -0.94 -2.28
N THR B 55 20.11 -1.44 -3.27
CA THR B 55 19.96 -0.92 -4.63
C THR B 55 19.29 -1.92 -5.57
N GLU B 56 19.20 -1.54 -6.85
CA GLU B 56 18.44 -2.28 -7.85
C GLU B 56 18.83 -3.74 -7.90
N ASN B 57 20.11 -4.06 -7.76
CA ASN B 57 20.54 -5.43 -8.01
C ASN B 57 20.30 -6.34 -6.81
N ASP B 58 19.91 -5.76 -5.66
CA ASP B 58 19.66 -6.56 -4.48
C ASP B 58 18.27 -7.20 -4.49
N LEU B 59 17.40 -6.75 -5.42
CA LEU B 59 15.94 -6.86 -5.23
C LEU B 59 15.25 -7.41 -6.49
N LEU B 60 14.07 -8.00 -6.30
CA LEU B 60 13.21 -8.16 -7.46
C LEU B 60 11.78 -7.97 -6.99
N VAL B 61 10.86 -7.76 -7.94
CA VAL B 61 9.48 -7.67 -7.54
C VAL B 61 8.69 -8.88 -8.03
N ARG B 62 7.63 -9.24 -7.32
CA ARG B 62 6.77 -10.31 -7.77
C ARG B 62 5.36 -9.74 -7.83
N ILE B 63 4.74 -9.85 -9.01
CA ILE B 63 3.45 -9.24 -9.33
C ILE B 63 2.44 -10.33 -9.69
N GLY B 64 1.18 -10.16 -9.28
CA GLY B 64 0.16 -11.15 -9.61
C GLY B 64 -0.08 -12.17 -8.51
N LYS B 65 0.43 -11.94 -7.27
CA LYS B 65 0.49 -13.04 -6.31
C LYS B 65 -0.72 -13.09 -5.38
N HIS B 66 -0.92 -14.28 -4.82
CA HIS B 66 -1.95 -14.51 -3.85
C HIS B 66 -1.30 -15.26 -2.68
N SER B 67 -0.64 -16.42 -2.95
CA SER B 67 0.06 -17.13 -1.86
C SER B 67 1.30 -16.32 -1.40
N ARG B 68 1.65 -16.35 -0.10
CA ARG B 68 2.76 -15.52 0.41
C ARG B 68 4.07 -16.19 -0.06
N THR B 69 4.18 -17.51 0.01
CA THR B 69 5.54 -18.01 -0.18
C THR B 69 5.59 -18.97 -1.38
N ARG B 70 4.44 -19.48 -1.89
CA ARG B 70 4.51 -20.47 -2.97
C ARG B 70 4.73 -19.70 -4.30
N TYR B 71 5.59 -20.19 -5.19
CA TYR B 71 5.70 -19.59 -6.52
C TYR B 71 4.48 -20.05 -7.32
N GLU B 72 3.70 -19.07 -7.81
CA GLU B 72 2.42 -19.43 -8.42
C GLU B 72 2.63 -19.56 -9.93
N ARG B 73 3.06 -20.75 -10.33
CA ARG B 73 3.37 -21.10 -11.70
C ARG B 73 2.25 -20.59 -12.65
N ASN B 74 2.67 -19.94 -13.73
CA ASN B 74 1.83 -19.45 -14.83
C ASN B 74 0.96 -18.25 -14.40
N ILE B 75 1.10 -17.72 -13.17
CA ILE B 75 0.28 -16.60 -12.72
C ILE B 75 1.16 -15.39 -12.37
N GLU B 76 2.06 -15.61 -11.39
CA GLU B 76 2.90 -14.53 -10.96
C GLU B 76 3.96 -14.21 -12.02
N LYS B 77 4.37 -12.94 -12.03
CA LYS B 77 5.42 -12.44 -12.91
C LYS B 77 6.51 -11.79 -12.08
N ILE B 78 7.77 -12.02 -12.46
CA ILE B 78 8.90 -11.51 -11.67
C ILE B 78 9.62 -10.50 -12.53
N SER B 79 9.89 -9.32 -11.99
N SER B 79 9.93 -9.33 -11.97
CA SER B 79 10.83 -8.53 -12.74
CA SER B 79 10.62 -8.22 -12.63
C SER B 79 12.00 -8.07 -11.88
C SER B 79 11.90 -7.82 -11.87
N MET B 80 12.99 -7.59 -12.62
CA MET B 80 14.20 -6.96 -12.11
C MET B 80 13.93 -5.46 -12.14
N LEU B 81 14.70 -4.67 -11.39
CA LEU B 81 14.55 -3.23 -11.35
C LEU B 81 15.66 -2.61 -12.18
N GLU B 82 15.31 -1.68 -13.03
CA GLU B 82 16.32 -0.90 -13.70
C GLU B 82 16.84 0.15 -12.72
N LYS B 83 15.95 0.84 -11.96
CA LYS B 83 16.41 1.95 -11.11
C LYS B 83 15.42 2.19 -9.95
N ILE B 84 15.97 2.71 -8.83
CA ILE B 84 15.24 3.07 -7.62
C ILE B 84 15.35 4.57 -7.46
N TYR B 85 14.24 5.26 -7.12
CA TYR B 85 14.27 6.68 -6.81
C TYR B 85 13.60 6.86 -5.46
N ILE B 86 14.35 7.36 -4.46
CA ILE B 86 13.83 7.66 -3.12
C ILE B 86 13.51 9.17 -3.03
N HIS B 87 12.41 9.60 -2.39
CA HIS B 87 12.15 11.01 -2.34
C HIS B 87 13.39 11.75 -1.77
N PRO B 88 13.94 12.81 -2.40
CA PRO B 88 15.16 13.44 -1.87
C PRO B 88 14.98 14.02 -0.46
N ARG B 89 13.74 14.20 0.04
CA ARG B 89 13.55 14.80 1.37
C ARG B 89 13.02 13.78 2.41
N TYR B 90 13.10 12.49 2.05
CA TYR B 90 12.76 11.37 2.91
C TYR B 90 13.54 11.52 4.21
N ASN B 91 12.85 11.61 5.33
CA ASN B 91 13.52 11.87 6.61
C ASN B 91 13.52 10.58 7.45
N TRP B 92 14.55 9.74 7.30
CA TRP B 92 14.60 8.54 8.12
C TRP B 92 15.13 8.84 9.54
N ARG B 93 15.83 9.98 9.73
CA ARG B 93 16.40 10.26 11.04
C ARG B 93 15.29 10.40 12.08
N GLU B 94 14.14 10.98 11.70
CA GLU B 94 13.17 11.39 12.70
C GLU B 94 11.87 10.59 12.58
N ASN B 95 11.02 10.83 11.57
CA ASN B 95 9.62 10.47 11.65
C ASN B 95 9.17 9.82 10.33
N LEU B 96 10.14 9.44 9.47
CA LEU B 96 9.83 8.88 8.16
C LEU B 96 9.00 9.85 7.32
N ASP B 97 9.25 11.15 7.44
CA ASP B 97 8.54 12.12 6.60
C ASP B 97 8.87 11.78 5.13
N ARG B 98 7.84 11.76 4.28
CA ARG B 98 8.03 11.51 2.83
C ARG B 98 8.52 10.08 2.56
N ASP B 99 7.80 9.11 3.16
CA ASP B 99 8.23 7.73 3.11
C ASP B 99 7.73 7.14 1.78
N ILE B 100 8.44 7.47 0.71
CA ILE B 100 7.96 7.13 -0.64
C ILE B 100 9.17 6.89 -1.57
N ALA B 101 9.05 5.87 -2.44
CA ALA B 101 10.10 5.53 -3.40
C ALA B 101 9.39 4.99 -4.66
N LEU B 102 10.04 5.22 -5.83
CA LEU B 102 9.59 4.69 -7.12
C LEU B 102 10.61 3.66 -7.60
N MET B 103 10.15 2.53 -8.15
CA MET B 103 11.06 1.57 -8.76
C MET B 103 10.62 1.39 -10.22
N LYS B 104 11.57 1.56 -11.13
CA LYS B 104 11.31 1.37 -12.56
C LYS B 104 11.67 -0.06 -12.94
N LEU B 105 10.74 -0.80 -13.55
CA LEU B 105 11.03 -2.17 -13.97
C LEU B 105 11.96 -2.15 -15.21
N LYS B 106 12.82 -3.18 -15.37
CA LYS B 106 13.68 -3.22 -16.55
C LYS B 106 12.90 -3.35 -17.86
N LYS B 107 11.79 -4.11 -17.85
CA LYS B 107 10.90 -4.34 -18.99
C LYS B 107 9.47 -4.13 -18.50
N PRO B 108 8.58 -3.54 -19.32
CA PRO B 108 7.14 -3.47 -18.99
C PRO B 108 6.56 -4.85 -18.60
N VAL B 109 5.63 -4.92 -17.65
CA VAL B 109 5.03 -6.19 -17.30
C VAL B 109 3.79 -6.32 -18.18
N ALA B 110 3.46 -7.54 -18.59
CA ALA B 110 2.22 -7.78 -19.32
C ALA B 110 1.08 -7.94 -18.31
N PHE B 111 -0.01 -7.24 -18.57
CA PHE B 111 -1.15 -7.29 -17.66
C PHE B 111 -1.90 -8.61 -17.84
N SER B 112 -2.73 -8.97 -16.85
CA SER B 112 -3.51 -10.21 -16.92
C SER B 112 -4.69 -10.00 -16.01
N ASP B 113 -5.50 -11.04 -15.80
CA ASP B 113 -6.55 -10.92 -14.81
C ASP B 113 -6.00 -10.71 -13.41
N TYR B 114 -4.69 -10.96 -13.17
CA TYR B 114 -4.13 -10.98 -11.81
C TYR B 114 -3.22 -9.76 -11.62
N ILE B 115 -2.98 -9.05 -12.72
CA ILE B 115 -1.94 -8.03 -12.76
C ILE B 115 -2.47 -6.80 -13.50
N HIS B 116 -2.65 -5.69 -12.78
CA HIS B 116 -3.35 -4.56 -13.35
C HIS B 116 -3.07 -3.34 -12.48
N PRO B 117 -2.79 -2.15 -13.06
CA PRO B 117 -2.38 -1.00 -12.24
C PRO B 117 -3.52 -0.28 -11.55
N VAL B 118 -3.19 0.36 -10.41
CA VAL B 118 -4.18 1.15 -9.64
C VAL B 118 -4.09 2.58 -10.18
N CYS B 119 -5.08 3.45 -9.93
CA CYS B 119 -4.96 4.85 -10.37
C CYS B 119 -4.32 5.71 -9.26
N LEU B 120 -3.63 6.78 -9.65
CA LEU B 120 -3.20 7.80 -8.68
C LEU B 120 -4.23 8.92 -8.62
N PRO B 121 -4.52 9.54 -7.47
CA PRO B 121 -5.60 10.54 -7.39
C PRO B 121 -5.13 11.87 -7.98
N ASP B 122 -6.04 12.59 -8.62
CA ASP B 122 -5.81 14.01 -8.88
C ASP B 122 -6.37 14.86 -7.73
N ARG B 123 -6.21 16.20 -7.85
CA ARG B 123 -6.54 17.11 -6.76
C ARG B 123 -7.99 16.92 -6.29
N GLU B 124 -8.94 16.76 -7.23
CA GLU B 124 -10.37 16.66 -6.94
C GLU B 124 -10.70 15.33 -6.24
N THR B 125 -10.12 14.23 -6.71
CA THR B 125 -10.40 12.92 -6.14
C THR B 125 -9.89 12.92 -4.70
N ALA B 126 -8.71 13.47 -4.47
CA ALA B 126 -8.11 13.50 -3.15
C ALA B 126 -8.93 14.38 -2.21
N ALA B 127 -9.37 15.55 -2.69
CA ALA B 127 -10.16 16.43 -1.84
C ALA B 127 -11.45 15.70 -1.45
N SER B 128 -12.08 15.01 -2.40
CA SER B 128 -13.37 14.45 -2.01
C SER B 128 -13.29 13.10 -1.29
N LEU B 129 -12.24 12.28 -1.48
CA LEU B 129 -12.22 10.96 -0.84
C LEU B 129 -11.51 11.00 0.51
N LEU B 130 -10.53 11.89 0.65
CA LEU B 130 -9.63 11.74 1.79
C LEU B 130 -10.23 12.49 2.98
N GLN B 131 -11.35 11.98 3.53
CA GLN B 131 -12.06 12.62 4.63
C GLN B 131 -12.24 11.67 5.82
N ALA B 132 -12.24 12.25 7.03
CA ALA B 132 -12.36 11.52 8.26
C ALA B 132 -13.65 10.73 8.22
N GLY B 133 -13.58 9.43 8.53
CA GLY B 133 -14.76 8.59 8.59
C GLY B 133 -14.93 7.86 7.28
N TYR B 134 -14.40 8.35 6.14
CA TYR B 134 -14.49 7.49 4.94
C TYR B 134 -13.50 6.31 5.02
N LYS B 135 -13.90 5.13 4.55
CA LYS B 135 -13.05 3.94 4.64
C LYS B 135 -12.24 3.70 3.36
N GLY B 136 -10.97 3.26 3.53
CA GLY B 136 -10.22 2.68 2.44
C GLY B 136 -9.78 1.29 2.79
N ARG B 137 -8.85 0.72 2.01
CA ARG B 137 -8.58 -0.70 2.13
C ARG B 137 -7.05 -0.88 2.08
N VAL B 138 -6.48 -1.70 2.99
CA VAL B 138 -5.08 -1.97 3.02
C VAL B 138 -4.91 -3.46 2.81
N THR B 139 -3.81 -3.83 2.15
CA THR B 139 -3.57 -5.23 1.82
C THR B 139 -2.08 -5.50 2.06
N GLY B 140 -1.76 -6.76 2.38
CA GLY B 140 -0.36 -7.09 2.54
C GLY B 140 -0.16 -8.54 2.97
N TRP B 141 1.12 -8.93 3.00
CA TRP B 141 1.50 -10.24 3.47
C TRP B 141 2.27 -10.08 4.81
N GLY B 142 2.16 -8.91 5.49
CA GLY B 142 2.95 -8.75 6.72
C GLY B 142 2.34 -9.50 7.91
N ASN B 143 2.83 -9.19 9.11
CA ASN B 143 2.49 -9.99 10.29
C ASN B 143 0.99 -9.91 10.59
N LEU B 144 0.44 -10.99 11.12
CA LEU B 144 -0.95 -11.04 11.56
C LEU B 144 -1.15 -10.42 12.96
N LYS B 145 -0.08 -10.07 13.69
CA LYS B 145 -0.18 -9.55 15.05
C LYS B 145 1.16 -8.93 15.31
N GLU B 146 1.28 -8.10 16.34
CA GLU B 146 2.60 -7.64 16.70
C GLU B 146 3.38 -8.80 17.29
N THR B 147 4.69 -8.81 17.11
CA THR B 147 5.43 -10.04 17.35
C THR B 147 5.92 -10.07 18.80
N TRP B 148 5.56 -11.13 19.57
CA TRP B 148 6.05 -11.35 20.94
N GLY B 155 2.76 -16.27 12.87
CA GLY B 155 2.73 -14.80 12.70
C GLY B 155 2.47 -14.37 11.24
N GLN B 156 2.70 -15.24 10.25
CA GLN B 156 2.68 -14.81 8.85
C GLN B 156 1.49 -15.44 8.13
N PRO B 157 0.73 -14.72 7.27
CA PRO B 157 -0.46 -15.31 6.66
C PRO B 157 -0.04 -16.30 5.56
N SER B 158 -0.93 -17.20 5.15
CA SER B 158 -0.42 -17.93 4.00
C SER B 158 -0.84 -17.28 2.67
N VAL B 159 -1.86 -16.39 2.70
CA VAL B 159 -2.24 -15.67 1.47
C VAL B 159 -2.46 -14.18 1.83
N LEU B 160 -2.53 -13.33 0.79
CA LEU B 160 -2.70 -11.91 0.90
C LEU B 160 -3.88 -11.64 1.81
N GLN B 161 -3.68 -10.70 2.76
CA GLN B 161 -4.70 -10.21 3.69
C GLN B 161 -5.22 -8.84 3.28
N VAL B 162 -6.48 -8.55 3.65
CA VAL B 162 -7.17 -7.31 3.31
C VAL B 162 -7.91 -6.82 4.57
N VAL B 163 -7.88 -5.52 4.84
CA VAL B 163 -8.81 -4.99 5.83
C VAL B 163 -9.21 -3.58 5.39
N ASN B 164 -10.46 -3.23 5.66
CA ASN B 164 -10.96 -1.89 5.44
C ASN B 164 -10.93 -1.06 6.73
N LEU B 165 -10.51 0.22 6.64
CA LEU B 165 -10.31 1.02 7.82
C LEU B 165 -10.75 2.45 7.51
N PRO B 166 -11.33 3.18 8.49
CA PRO B 166 -11.72 4.57 8.30
C PRO B 166 -10.53 5.51 8.49
N ILE B 167 -10.50 6.57 7.68
CA ILE B 167 -9.58 7.68 7.85
C ILE B 167 -9.93 8.40 9.17
N VAL B 168 -8.91 8.85 9.88
CA VAL B 168 -9.06 9.42 11.21
C VAL B 168 -8.79 10.93 11.16
N GLU B 169 -9.53 11.71 11.99
CA GLU B 169 -9.35 13.16 12.06
C GLU B 169 -7.91 13.47 12.47
N ARG B 170 -7.30 14.48 11.85
CA ARG B 170 -5.90 14.82 12.08
C ARG B 170 -5.61 15.11 13.57
N PRO B 171 -6.44 15.87 14.31
CA PRO B 171 -6.18 16.11 15.74
C PRO B 171 -6.18 14.82 16.55
N VAL B 172 -7.03 13.84 16.18
CA VAL B 172 -7.01 12.55 16.88
C VAL B 172 -5.71 11.78 16.58
N CYS B 173 -5.20 11.82 15.33
CA CYS B 173 -3.95 11.22 14.89
C CYS B 173 -2.83 11.85 15.71
N LYS B 174 -2.83 13.19 15.72
CA LYS B 174 -1.77 13.93 16.40
C LYS B 174 -1.73 13.65 17.93
N ASP B 175 -2.91 13.49 18.52
CA ASP B 175 -2.99 13.29 19.98
C ASP B 175 -2.61 11.85 20.38
N SER B 176 -2.61 10.90 19.41
CA SER B 176 -2.37 9.50 19.69
C SER B 176 -0.89 9.17 19.85
N THR B 177 0.06 10.06 19.52
CA THR B 177 1.46 9.68 19.47
C THR B 177 2.28 10.91 19.85
N ARG B 178 3.53 10.69 20.28
CA ARG B 178 4.54 11.75 20.42
C ARG B 178 5.35 12.00 19.13
N ILE B 179 5.39 11.06 18.19
CA ILE B 179 6.12 11.22 16.92
C ILE B 179 5.47 12.35 16.10
N ARG B 180 6.29 13.26 15.51
CA ARG B 180 5.75 14.46 14.85
C ARG B 180 5.02 14.09 13.53
N ILE B 181 3.72 14.39 13.41
CA ILE B 181 2.93 14.05 12.21
C ILE B 181 3.05 15.22 11.22
N THR B 182 3.15 14.98 9.91
CA THR B 182 3.26 16.10 8.93
C THR B 182 2.08 16.03 7.97
N ASP B 183 1.98 17.02 7.08
CA ASP B 183 1.00 16.98 6.01
C ASP B 183 1.31 15.86 5.01
N ASN B 184 2.53 15.27 5.04
CA ASN B 184 2.80 14.15 4.12
C ASN B 184 2.28 12.81 4.66
N MET B 185 1.52 12.82 5.78
CA MET B 185 1.03 11.56 6.35
C MET B 185 -0.47 11.72 6.57
N PHE B 186 -1.18 10.58 6.63
CA PHE B 186 -2.49 10.56 7.27
C PHE B 186 -2.58 9.27 8.11
N CYS B 187 -3.58 9.16 9.00
CA CYS B 187 -3.75 7.96 9.81
C CYS B 187 -5.16 7.40 9.61
N ALA B 188 -5.32 6.10 9.87
CA ALA B 188 -6.52 5.34 9.62
C ALA B 188 -6.58 4.25 10.68
N GLY B 189 -7.80 3.82 11.03
CA GLY B 189 -8.02 2.80 12.04
C GLY B 189 -9.27 3.18 12.86
N TYR B 190 -9.90 2.16 13.47
CA TYR B 190 -11.00 2.39 14.37
C TYR B 190 -10.47 2.94 15.69
N LYS B 191 -11.33 3.78 16.27
CA LYS B 191 -11.24 4.27 17.62
C LYS B 191 -11.51 3.13 18.60
N PRO B 192 -10.92 3.26 19.81
CA PRO B 192 -11.11 2.23 20.81
C PRO B 192 -12.63 1.85 20.83
N ASP B 193 -13.50 2.85 20.95
CA ASP B 193 -14.83 2.42 21.31
C ASP B 193 -15.71 1.93 20.14
N GLU B 194 -15.13 1.93 18.93
CA GLU B 194 -15.90 1.73 17.72
C GLU B 194 -16.27 0.27 17.52
N GLY B 195 -15.68 -0.70 18.24
CA GLY B 195 -16.07 -2.11 18.16
CA GLY B 195 -16.25 -2.06 18.13
C GLY B 195 -15.08 -2.82 17.27
C GLY B 195 -15.94 -2.85 16.82
N LYS B 196 -15.01 -2.33 16.02
CA LYS B 196 -14.29 -3.03 14.99
C LYS B 196 -12.80 -2.75 15.23
N ARG B 197 -11.92 -3.55 14.63
CA ARG B 197 -10.47 -3.50 14.83
C ARG B 197 -9.82 -3.65 13.47
N GLY B 198 -8.49 -3.54 13.44
CA GLY B 198 -7.75 -3.85 12.23
C GLY B 198 -6.65 -2.82 12.03
N ASP B 199 -5.53 -3.23 11.43
CA ASP B 199 -4.39 -2.36 11.25
C ASP B 199 -3.50 -3.04 10.21
N ALA B 200 -2.59 -2.26 9.63
CA ALA B 200 -1.41 -2.81 8.94
C ALA B 200 -0.39 -3.17 10.04
N CYS B 201 0.72 -3.83 9.72
CA CYS B 201 1.68 -4.30 10.72
C CYS B 201 3.05 -4.32 10.03
N GLU B 202 4.09 -4.76 10.73
CA GLU B 202 5.42 -4.94 10.13
C GLU B 202 5.35 -5.93 8.97
N GLY B 203 6.10 -5.63 7.89
CA GLY B 203 6.05 -6.42 6.67
C GLY B 203 5.02 -5.87 5.67
N ASP B 204 4.07 -5.00 6.09
CA ASP B 204 3.05 -4.42 5.21
C ASP B 204 3.47 -3.09 4.56
N SER B 205 4.58 -2.52 5.03
CA SER B 205 5.07 -1.25 4.48
C SER B 205 5.12 -1.34 2.97
N GLY B 206 4.78 -0.21 2.33
CA GLY B 206 4.92 -0.09 0.89
C GLY B 206 3.61 -0.48 0.22
N GLY B 207 2.78 -1.25 0.91
CA GLY B 207 1.55 -1.65 0.29
C GLY B 207 0.55 -0.49 0.27
N PRO B 208 -0.46 -0.56 -0.61
CA PRO B 208 -1.34 0.59 -0.89
C PRO B 208 -2.52 0.71 0.07
N PHE B 209 -2.86 1.95 0.42
CA PHE B 209 -4.16 2.24 1.00
C PHE B 209 -5.01 2.72 -0.18
N VAL B 210 -6.08 1.99 -0.54
CA VAL B 210 -6.85 2.35 -1.76
C VAL B 210 -8.29 2.68 -1.39
N MET B 211 -8.96 3.45 -2.25
CA MET B 211 -10.33 3.83 -2.05
C MET B 211 -11.05 3.71 -3.38
N LYS B 212 -12.31 3.26 -3.34
CA LYS B 212 -13.03 3.06 -4.59
C LYS B 212 -13.90 4.29 -4.83
N SER B 213 -13.73 4.95 -5.99
CA SER B 213 -14.41 6.23 -6.17
C SER B 213 -15.90 5.93 -6.34
N PRO B 214 -16.86 6.58 -5.64
CA PRO B 214 -18.28 6.33 -5.97
C PRO B 214 -18.68 7.08 -7.23
N PHE B 215 -17.81 7.92 -7.82
CA PHE B 215 -18.18 8.66 -9.04
C PHE B 215 -17.86 7.86 -10.28
N ASN B 216 -16.75 7.12 -10.38
CA ASN B 216 -16.39 6.48 -11.65
C ASN B 216 -16.08 5.00 -11.41
N ASN B 217 -16.15 4.53 -10.15
CA ASN B 217 -16.07 3.10 -9.94
C ASN B 217 -14.61 2.62 -9.98
N ARG B 218 -13.62 3.53 -10.02
CA ARG B 218 -12.22 3.14 -10.09
C ARG B 218 -11.56 3.15 -8.69
N TRP B 219 -10.56 2.31 -8.53
CA TRP B 219 -9.75 2.28 -7.32
C TRP B 219 -8.58 3.24 -7.47
N TYR B 220 -8.41 4.06 -6.43
CA TYR B 220 -7.36 5.08 -6.34
C TYR B 220 -6.45 4.76 -5.13
N GLN B 221 -5.13 4.87 -5.32
CA GLN B 221 -4.22 4.72 -4.20
C GLN B 221 -3.98 6.07 -3.52
N MET B 222 -4.49 6.21 -2.29
CA MET B 222 -4.44 7.44 -1.55
C MET B 222 -3.24 7.40 -0.61
N GLY B 223 -2.83 6.20 -0.16
CA GLY B 223 -1.73 6.13 0.82
C GLY B 223 -0.78 4.96 0.63
N ILE B 224 0.36 5.02 1.36
CA ILE B 224 1.30 3.90 1.36
C ILE B 224 1.48 3.52 2.84
N VAL B 225 1.45 2.22 3.17
CA VAL B 225 1.68 1.81 4.55
C VAL B 225 3.07 2.31 4.95
N SER B 226 3.16 3.03 6.08
CA SER B 226 4.42 3.66 6.43
C SER B 226 4.89 3.27 7.84
N TRP B 227 4.09 3.56 8.88
CA TRP B 227 4.58 3.31 10.26
C TRP B 227 3.42 3.18 11.23
N GLY B 228 3.76 2.77 12.49
CA GLY B 228 2.77 2.68 13.55
C GLY B 228 3.55 2.37 14.84
N GLU B 229 2.85 2.28 15.94
CA GLU B 229 3.52 1.89 17.21
C GLU B 229 2.83 0.63 17.74
N GLY B 230 3.49 -0.52 17.60
CA GLY B 230 2.78 -1.75 17.84
C GLY B 230 1.82 -2.00 16.65
N CYS B 231 0.85 -2.93 16.77
CA CYS B 231 -0.09 -3.06 15.66
C CYS B 231 -1.45 -3.31 16.27
N ASP B 232 -2.49 -2.62 15.76
CA ASP B 232 -3.87 -2.79 16.24
C ASP B 232 -4.01 -2.50 17.76
N ARG B 233 -3.16 -1.66 18.31
CA ARG B 233 -3.40 -1.27 19.70
C ARG B 233 -4.60 -0.31 19.87
N ASP B 234 -5.29 -0.36 21.06
CA ASP B 234 -6.37 0.59 21.32
C ASP B 234 -5.78 1.98 21.46
N GLY B 235 -6.33 2.96 20.76
CA GLY B 235 -5.89 4.34 20.95
C GLY B 235 -4.68 4.63 20.04
N LYS B 236 -4.18 3.64 19.25
CA LYS B 236 -3.15 3.95 18.25
C LYS B 236 -3.75 3.78 16.84
N TYR B 237 -3.08 4.36 15.84
CA TYR B 237 -3.59 4.27 14.48
C TYR B 237 -2.42 4.01 13.54
N GLY B 238 -2.65 3.37 12.39
CA GLY B 238 -1.63 3.23 11.36
C GLY B 238 -1.37 4.53 10.59
N PHE B 239 -0.09 4.82 10.29
CA PHE B 239 0.27 6.00 9.52
C PHE B 239 0.61 5.60 8.09
N TYR B 240 0.19 6.45 7.15
CA TYR B 240 0.26 6.16 5.70
C TYR B 240 0.90 7.43 5.05
N THR B 241 1.85 7.24 4.12
CA THR B 241 2.32 8.33 3.28
C THR B 241 1.15 8.87 2.44
N HIS B 242 0.99 10.19 2.39
CA HIS B 242 -0.06 10.85 1.65
C HIS B 242 0.34 10.98 0.17
N VAL B 243 -0.14 10.06 -0.68
CA VAL B 243 0.25 10.01 -2.10
C VAL B 243 0.00 11.34 -2.85
N PHE B 244 -1.23 11.86 -2.76
CA PHE B 244 -1.55 13.06 -3.49
C PHE B 244 -0.57 14.15 -3.08
N ARG B 245 -0.23 14.28 -1.79
CA ARG B 245 0.66 15.39 -1.41
C ARG B 245 2.03 15.27 -2.07
N LEU B 246 2.48 14.07 -2.43
CA LEU B 246 3.82 13.93 -3.01
C LEU B 246 3.73 13.71 -4.53
N LYS B 247 2.57 14.00 -5.10
CA LYS B 247 2.38 13.66 -6.51
C LYS B 247 3.27 14.46 -7.49
N LYS B 248 3.69 15.70 -7.14
CA LYS B 248 4.58 16.53 -7.97
C LYS B 248 5.93 15.80 -8.07
N TRP B 249 6.34 15.19 -6.96
CA TRP B 249 7.58 14.43 -7.05
C TRP B 249 7.37 13.15 -7.89
N ILE B 250 6.25 12.42 -7.72
CA ILE B 250 6.05 11.20 -8.50
C ILE B 250 6.04 11.58 -9.99
N GLN B 251 5.35 12.66 -10.34
CA GLN B 251 5.24 13.06 -11.74
C GLN B 251 6.61 13.48 -12.27
N LYS B 252 7.38 14.21 -11.46
CA LYS B 252 8.71 14.68 -11.86
C LYS B 252 9.59 13.47 -12.25
N VAL B 253 9.59 12.42 -11.42
CA VAL B 253 10.46 11.28 -11.68
C VAL B 253 10.01 10.49 -12.93
N ILE B 254 8.69 10.26 -13.09
CA ILE B 254 8.20 9.50 -14.24
C ILE B 254 8.41 10.30 -15.52
N ASP B 255 8.14 11.62 -15.49
CA ASP B 255 8.43 12.50 -16.62
C ASP B 255 9.90 12.47 -17.01
N GLN B 256 10.79 12.62 -16.03
CA GLN B 256 12.20 12.75 -16.35
C GLN B 256 12.80 11.39 -16.72
N PHE B 257 12.27 10.27 -16.16
CA PHE B 257 12.86 8.95 -16.37
C PHE B 257 11.83 7.94 -16.92
#